data_4XCL
#
_entry.id   4XCL
#
_cell.length_a   41.867
_cell.length_b   46.754
_cell.length_c   59.487
_cell.angle_alpha   90.00
_cell.angle_beta   106.81
_cell.angle_gamma   90.00
#
_symmetry.space_group_name_H-M   'P 1 21 1'
#
loop_
_entity.id
_entity.type
_entity.pdbx_description
1 polymer 'Heat shock cognate 90 kDa protein'
2 non-polymer 'PHOSPHOTHIOPHOSPHORIC ACID-ADENYLATE ESTER'
3 non-polymer 'MAGNESIUM ION'
4 water water
#
_entity_poly.entity_id   1
_entity_poly.type   'polypeptide(L)'
_entity_poly.pdbx_seq_one_letter_code
;MRGSHHHHHHGMASMTGGQQMGRDLYDDDDKDRWGSMAESQVERFTFQAEINQLMSLIINTFYSNKEVFLRELISNASDA
LDKIRYQSLTDASVLESKTELEIKIIPDKTAKTLTLIDSGIGMTKTDMVKNLGTIARSGTKNFMEQLQSGAADISMIGQF
GVGFYSAYLVADTVIVHSKNNDDEQYVWESSAGGEFTIALDHTEPLGRGTKIVLHMKEDQLDYLDETKIKNLVKKHSEFI
QYPISLLTIKEKEVDEETT
;
_entity_poly.pdbx_strand_id   A
#
loop_
_chem_comp.id
_chem_comp.type
_chem_comp.name
_chem_comp.formula
AGS non-polymer 'PHOSPHOTHIOPHOSPHORIC ACID-ADENYLATE ESTER' 'C10 H16 N5 O12 P3 S'
MG non-polymer 'MAGNESIUM ION' 'Mg 2'
#
# COMPACT_ATOMS: atom_id res chain seq x y z
N MET A 37 18.41 -17.34 18.43
CA MET A 37 18.19 -15.86 18.47
C MET A 37 18.24 -15.29 17.06
N ALA A 38 17.21 -14.51 16.72
CA ALA A 38 17.14 -13.93 15.39
C ALA A 38 17.90 -12.60 15.37
N GLU A 39 18.55 -12.32 14.24
CA GLU A 39 19.26 -11.06 14.02
C GLU A 39 18.68 -10.36 12.80
N SER A 40 18.56 -9.05 12.89
CA SER A 40 18.03 -8.27 11.78
C SER A 40 18.74 -6.94 11.74
N GLN A 41 19.16 -6.56 10.54
CA GLN A 41 19.69 -5.22 10.28
CA GLN A 41 19.68 -5.23 10.30
C GLN A 41 18.51 -4.35 9.85
N VAL A 42 18.32 -3.23 10.54
CA VAL A 42 17.23 -2.30 10.25
CA VAL A 42 17.24 -2.31 10.20
C VAL A 42 17.83 -0.95 9.87
N GLU A 43 17.32 -0.33 8.80
CA GLU A 43 17.75 1.01 8.45
C GLU A 43 16.58 1.95 8.62
N ARG A 44 16.84 3.09 9.25
CA ARG A 44 15.85 4.13 9.49
CA ARG A 44 15.84 4.12 9.47
C ARG A 44 16.00 5.24 8.45
N PHE A 45 14.87 5.75 7.99
CA PHE A 45 14.85 6.86 7.04
C PHE A 45 13.88 7.92 7.52
N THR A 46 14.15 9.16 7.12
CA THR A 46 13.28 10.29 7.44
CA THR A 46 13.24 10.26 7.45
C THR A 46 12.44 10.68 6.22
N PHE A 47 11.14 10.88 6.41
CA PHE A 47 10.29 11.34 5.32
C PHE A 47 10.73 12.73 4.85
N GLN A 48 10.68 12.93 3.54
CA GLN A 48 10.83 14.25 2.94
C GLN A 48 9.87 15.21 3.64
N ALA A 49 10.28 16.45 3.82
CA ALA A 49 9.57 17.41 4.69
C ALA A 49 8.06 17.57 4.37
N GLU A 50 7.73 17.75 3.10
CA GLU A 50 6.34 17.95 2.74
C GLU A 50 5.52 16.67 2.87
N ILE A 51 6.14 15.51 2.60
CA ILE A 51 5.48 14.22 2.79
C ILE A 51 5.16 14.04 4.27
N ASN A 52 6.11 14.39 5.13
CA ASN A 52 5.86 14.33 6.56
C ASN A 52 4.66 15.21 6.95
N GLN A 53 4.63 16.44 6.43
CA GLN A 53 3.52 17.36 6.68
C GLN A 53 2.18 16.77 6.20
N LEU A 54 2.20 16.16 5.03
CA LEU A 54 1.00 15.53 4.47
C LEU A 54 0.49 14.41 5.36
N MET A 55 1.41 13.57 5.83
CA MET A 55 1.04 12.47 6.72
C MET A 55 0.39 13.00 8.00
N SER A 56 0.98 14.04 8.59
CA SER A 56 0.39 14.68 9.77
C SER A 56 -1.02 15.21 9.49
N LEU A 57 -1.19 15.87 8.35
CA LEU A 57 -2.48 16.41 7.93
C LEU A 57 -3.53 15.31 7.73
N ILE A 58 -3.08 14.17 7.19
CA ILE A 58 -3.96 13.02 6.96
C ILE A 58 -4.39 12.36 8.27
N ILE A 59 -3.45 12.31 9.22
CA ILE A 59 -3.68 11.65 10.51
C ILE A 59 -4.46 12.53 11.48
N ASN A 60 -4.13 13.82 11.53
CA ASN A 60 -4.63 14.69 12.60
C ASN A 60 -5.87 15.54 12.25
N THR A 61 -6.45 15.29 11.08
CA THR A 61 -7.64 15.99 10.61
C THR A 61 -8.79 14.99 10.46
N PHE A 62 -10.01 15.43 10.77
CA PHE A 62 -11.20 14.63 10.53
C PHE A 62 -11.60 14.64 9.06
N TYR A 63 -11.89 13.44 8.52
CA TYR A 63 -12.45 13.28 7.18
C TYR A 63 -13.66 12.36 7.25
N SER A 64 -14.79 12.84 6.74
CA SER A 64 -16.04 12.09 6.85
C SER A 64 -16.03 10.81 6.02
N ASN A 65 -15.42 10.89 4.84
CA ASN A 65 -15.42 9.77 3.92
C ASN A 65 -13.98 9.40 3.57
N LYS A 66 -13.55 8.25 4.05
CA LYS A 66 -12.17 7.78 3.88
C LYS A 66 -12.02 6.64 2.87
N GLU A 67 -13.09 6.35 2.11
CA GLU A 67 -13.09 5.22 1.18
CA GLU A 67 -13.12 5.25 1.14
C GLU A 67 -11.96 5.27 0.15
N VAL A 68 -11.44 6.46 -0.15
CA VAL A 68 -10.37 6.62 -1.12
C VAL A 68 -9.17 5.72 -0.79
N PHE A 69 -8.97 5.38 0.49
CA PHE A 69 -7.80 4.56 0.83
C PHE A 69 -7.82 3.26 0.03
N LEU A 70 -9.01 2.69 -0.15
CA LEU A 70 -9.10 1.37 -0.81
C LEU A 70 -8.88 1.53 -2.31
N ARG A 71 -9.44 2.60 -2.88
CA ARG A 71 -9.20 2.94 -4.27
CA ARG A 71 -9.21 2.90 -4.29
C ARG A 71 -7.70 2.98 -4.56
N GLU A 72 -6.96 3.65 -3.67
CA GLU A 72 -5.53 3.86 -3.89
C GLU A 72 -4.73 2.57 -3.72
N LEU A 73 -5.12 1.71 -2.79
CA LEU A 73 -4.45 0.41 -2.64
C LEU A 73 -4.59 -0.41 -3.92
N ILE A 74 -5.82 -0.46 -4.42
CA ILE A 74 -6.09 -1.27 -5.61
C ILE A 74 -5.42 -0.67 -6.84
N SER A 75 -5.45 0.65 -6.99
CA SER A 75 -4.82 1.24 -8.16
CA SER A 75 -4.80 1.31 -8.13
CA SER A 75 -4.81 1.31 -8.11
C SER A 75 -3.31 1.03 -8.15
N ASN A 76 -2.67 1.07 -6.98
CA ASN A 76 -1.23 0.79 -6.93
C ASN A 76 -0.90 -0.63 -7.31
N ALA A 77 -1.75 -1.56 -6.89
CA ALA A 77 -1.60 -2.95 -7.26
C ALA A 77 -1.76 -3.12 -8.78
N SER A 78 -2.80 -2.50 -9.33
CA SER A 78 -3.04 -2.58 -10.78
C SER A 78 -1.86 -2.00 -11.58
N ASP A 79 -1.34 -0.86 -11.14
CA ASP A 79 -0.19 -0.25 -11.82
C ASP A 79 1.02 -1.19 -11.80
N ALA A 80 1.24 -1.85 -10.66
CA ALA A 80 2.38 -2.75 -10.50
C ALA A 80 2.22 -3.97 -11.39
N LEU A 81 0.98 -4.45 -11.49
CA LEU A 81 0.65 -5.57 -12.37
C LEU A 81 0.84 -5.19 -13.85
N ASP A 82 0.39 -4.00 -14.24
CA ASP A 82 0.64 -3.50 -15.59
C ASP A 82 2.13 -3.48 -15.88
N LYS A 83 2.91 -3.00 -14.93
CA LYS A 83 4.33 -2.83 -15.17
C LYS A 83 5.02 -4.16 -15.47
N ILE A 84 4.75 -5.18 -14.66
CA ILE A 84 5.36 -6.47 -14.94
C ILE A 84 4.75 -7.14 -16.18
N ARG A 85 3.45 -6.95 -16.42
CA ARG A 85 2.83 -7.51 -17.60
C ARG A 85 3.45 -6.95 -18.87
N TYR A 86 3.60 -5.63 -18.94
CA TYR A 86 4.21 -5.04 -20.12
C TYR A 86 5.69 -5.41 -20.24
N GLN A 87 6.39 -5.54 -19.11
CA GLN A 87 7.75 -6.03 -19.17
C GLN A 87 7.81 -7.45 -19.74
N SER A 88 6.81 -8.26 -19.45
CA SER A 88 6.78 -9.64 -19.94
C SER A 88 6.54 -9.74 -21.44
N LEU A 89 6.01 -8.68 -22.04
CA LEU A 89 5.77 -8.68 -23.50
C LEU A 89 7.08 -8.63 -24.26
N THR A 90 8.07 -7.98 -23.68
CA THR A 90 9.36 -7.79 -24.32
C THR A 90 10.44 -8.70 -23.69
N ASP A 91 10.14 -9.26 -22.50
CA ASP A 91 11.02 -10.23 -21.84
C ASP A 91 10.19 -11.23 -21.04
N ALA A 92 9.84 -12.36 -21.66
CA ALA A 92 8.92 -13.32 -21.03
C ALA A 92 9.44 -13.91 -19.71
N SER A 93 10.76 -13.96 -19.56
CA SER A 93 11.38 -14.59 -18.39
C SER A 93 11.04 -13.90 -17.06
N VAL A 94 10.58 -12.65 -17.12
CA VAL A 94 10.31 -11.89 -15.90
C VAL A 94 9.19 -12.50 -15.06
N LEU A 95 8.35 -13.35 -15.68
CA LEU A 95 7.24 -13.97 -14.94
C LEU A 95 7.60 -15.28 -14.23
N GLU A 96 8.81 -15.78 -14.46
CA GLU A 96 9.22 -17.06 -13.88
C GLU A 96 9.11 -17.12 -12.35
N SER A 97 9.28 -15.96 -11.70
CA SER A 97 9.22 -15.85 -10.24
C SER A 97 7.82 -16.01 -9.66
N LYS A 98 6.81 -15.82 -10.50
CA LYS A 98 5.41 -15.99 -10.11
C LYS A 98 4.57 -15.79 -11.35
N THR A 99 3.95 -16.86 -11.83
CA THR A 99 3.29 -16.78 -13.13
C THR A 99 1.96 -16.01 -13.11
N GLU A 100 1.23 -16.09 -11.99
CA GLU A 100 -0.06 -15.44 -11.89
C GLU A 100 0.06 -13.90 -11.79
N LEU A 101 -0.92 -13.21 -12.38
CA LEU A 101 -1.05 -11.76 -12.27
C LEU A 101 -2.40 -11.48 -11.60
N GLU A 102 -2.37 -11.27 -10.30
CA GLU A 102 -3.62 -11.25 -9.52
C GLU A 102 -3.47 -10.41 -8.27
N ILE A 103 -4.62 -10.14 -7.67
CA ILE A 103 -4.74 -9.37 -6.43
C ILE A 103 -5.53 -10.20 -5.41
N LYS A 104 -5.05 -10.22 -4.18
CA LYS A 104 -5.74 -10.86 -3.06
C LYS A 104 -5.97 -9.84 -1.97
N ILE A 105 -7.20 -9.80 -1.43
CA ILE A 105 -7.56 -8.85 -0.38
C ILE A 105 -8.03 -9.65 0.82
N ILE A 106 -7.43 -9.38 1.98
CA ILE A 106 -7.65 -10.16 3.18
C ILE A 106 -7.99 -9.26 4.38
N PRO A 107 -9.30 -9.11 4.68
CA PRO A 107 -9.69 -8.46 5.92
C PRO A 107 -9.61 -9.49 7.06
N ASP A 108 -9.02 -9.08 8.16
CA ASP A 108 -8.79 -9.98 9.28
C ASP A 108 -9.16 -9.25 10.57
N LYS A 109 -10.38 -9.48 11.04
CA LYS A 109 -10.88 -8.77 12.21
C LYS A 109 -10.09 -9.04 13.48
N THR A 110 -9.69 -10.30 13.69
CA THR A 110 -8.94 -10.65 14.91
C THR A 110 -7.62 -9.88 14.95
N ALA A 111 -6.92 -9.88 13.82
CA ALA A 111 -5.65 -9.19 13.70
C ALA A 111 -5.81 -7.68 13.58
N LYS A 112 -7.03 -7.21 13.31
CA LYS A 112 -7.33 -5.80 13.00
C LYS A 112 -6.50 -5.27 11.83
N THR A 113 -6.40 -6.09 10.79
CA THR A 113 -5.64 -5.71 9.60
C THR A 113 -6.45 -5.89 8.33
N LEU A 114 -6.13 -5.05 7.35
CA LEU A 114 -6.51 -5.29 5.98
C LEU A 114 -5.23 -5.48 5.18
N THR A 115 -5.14 -6.56 4.43
CA THR A 115 -3.96 -6.88 3.64
C THR A 115 -4.33 -6.93 2.16
N LEU A 116 -3.51 -6.32 1.31
CA LEU A 116 -3.68 -6.48 -0.13
CA LEU A 116 -3.66 -6.40 -0.14
C LEU A 116 -2.36 -6.97 -0.72
N ILE A 117 -2.45 -8.09 -1.44
CA ILE A 117 -1.30 -8.72 -2.06
C ILE A 117 -1.46 -8.66 -3.57
N ASP A 118 -0.43 -8.16 -4.25
CA ASP A 118 -0.38 -8.24 -5.70
C ASP A 118 0.83 -9.03 -6.13
N SER A 119 0.76 -9.58 -7.34
CA SER A 119 1.92 -10.23 -7.95
C SER A 119 2.49 -9.34 -9.07
N GLY A 120 2.50 -8.03 -8.83
CA GLY A 120 3.07 -7.08 -9.76
C GLY A 120 4.57 -7.05 -9.72
N ILE A 121 5.12 -5.93 -10.17
CA ILE A 121 6.56 -5.84 -10.35
CA ILE A 121 6.56 -5.72 -10.34
C ILE A 121 7.37 -5.87 -9.05
N GLY A 122 6.78 -5.45 -7.93
CA GLY A 122 7.51 -5.39 -6.67
C GLY A 122 8.51 -4.25 -6.65
N MET A 123 9.05 -3.99 -5.46
CA MET A 123 10.00 -2.92 -5.23
C MET A 123 11.27 -3.50 -4.63
N THR A 124 12.42 -3.11 -5.20
CA THR A 124 13.71 -3.37 -4.54
C THR A 124 13.80 -2.50 -3.29
N LYS A 125 14.81 -2.73 -2.47
CA LYS A 125 15.01 -1.87 -1.29
CA LYS A 125 15.03 -1.88 -1.30
C LYS A 125 15.12 -0.40 -1.70
N THR A 126 15.94 -0.10 -2.70
CA THR A 126 16.09 1.31 -3.07
C THR A 126 14.84 1.87 -3.73
N ASP A 127 14.07 1.02 -4.43
CA ASP A 127 12.75 1.46 -4.90
C ASP A 127 11.88 1.92 -3.75
N MET A 128 11.88 1.19 -2.63
CA MET A 128 11.10 1.57 -1.45
CA MET A 128 11.08 1.54 -1.47
CA MET A 128 11.05 1.59 -1.51
C MET A 128 11.57 2.88 -0.88
N VAL A 129 12.89 3.01 -0.76
CA VAL A 129 13.48 4.24 -0.24
C VAL A 129 13.03 5.44 -1.08
N LYS A 130 13.13 5.32 -2.41
CA LYS A 130 12.85 6.42 -3.33
C LYS A 130 11.39 6.69 -3.55
N ASN A 131 10.54 5.66 -3.45
CA ASN A 131 9.14 5.82 -3.81
C ASN A 131 8.20 5.93 -2.63
N LEU A 132 8.67 5.49 -1.46
CA LEU A 132 7.83 5.47 -0.26
C LEU A 132 8.33 6.41 0.83
N GLY A 133 8.90 7.54 0.43
CA GLY A 133 8.94 8.65 1.36
C GLY A 133 10.11 9.61 1.36
N THR A 134 11.25 9.25 0.77
CA THR A 134 12.40 10.15 0.85
C THR A 134 12.49 11.19 -0.27
N ILE A 135 11.84 10.94 -1.38
CA ILE A 135 11.97 11.83 -2.53
C ILE A 135 10.73 12.71 -2.60
N ALA A 136 10.95 13.99 -2.85
CA ALA A 136 9.86 14.93 -2.99
C ALA A 136 8.96 14.54 -4.15
N ARG A 137 7.67 14.77 -3.97
CA ARG A 137 6.69 14.62 -5.03
C ARG A 137 6.22 16.00 -5.46
N SER A 138 6.08 16.18 -6.76
CA SER A 138 5.72 17.48 -7.31
C SER A 138 4.41 18.08 -6.76
N GLY A 139 3.44 17.23 -6.43
CA GLY A 139 2.09 17.67 -6.04
C GLY A 139 1.78 17.82 -4.56
N THR A 140 2.72 17.47 -3.68
CA THR A 140 2.43 17.43 -2.24
C THR A 140 2.00 18.78 -1.66
N LYS A 141 2.80 19.81 -1.91
CA LYS A 141 2.51 21.16 -1.42
C LYS A 141 1.18 21.68 -1.96
N ASN A 142 0.98 21.53 -3.27
CA ASN A 142 -0.25 21.98 -3.89
C ASN A 142 -1.47 21.25 -3.37
N PHE A 143 -1.35 19.95 -3.12
CA PHE A 143 -2.46 19.20 -2.55
C PHE A 143 -2.86 19.72 -1.18
N MET A 144 -1.87 19.94 -0.31
CA MET A 144 -2.15 20.43 1.02
C MET A 144 -2.79 21.81 0.98
N GLU A 145 -2.32 22.67 0.08
CA GLU A 145 -2.92 23.98 -0.13
C GLU A 145 -4.39 23.87 -0.54
N GLN A 146 -4.68 22.98 -1.49
CA GLN A 146 -6.05 22.83 -1.97
C GLN A 146 -6.96 22.17 -0.93
N LEU A 147 -6.41 21.27 -0.11
CA LEU A 147 -7.16 20.75 1.04
C LEU A 147 -7.53 21.84 2.03
N GLN A 148 -6.56 22.68 2.38
CA GLN A 148 -6.77 23.75 3.35
C GLN A 148 -7.81 24.75 2.86
N SER A 149 -7.82 24.99 1.55
CA SER A 149 -8.70 25.99 0.96
C SER A 149 -10.10 25.45 0.67
N GLY A 150 -10.21 24.18 0.33
CA GLY A 150 -11.47 23.62 -0.14
C GLY A 150 -11.53 23.35 -1.63
N ALA A 151 -10.47 23.71 -2.36
CA ALA A 151 -10.38 23.44 -3.79
C ALA A 151 -10.34 21.94 -4.11
N ALA A 152 -9.82 21.14 -3.18
CA ALA A 152 -9.77 19.68 -3.33
C ALA A 152 -10.27 19.06 -2.05
N ASP A 153 -10.79 17.85 -2.15
CA ASP A 153 -11.07 17.05 -0.97
C ASP A 153 -10.19 15.81 -0.96
N ILE A 154 -10.22 15.08 0.13
CA ILE A 154 -9.30 13.96 0.34
C ILE A 154 -9.44 12.86 -0.73
N SER A 155 -10.63 12.73 -1.33
CA SER A 155 -10.86 11.72 -2.35
C SER A 155 -10.02 11.94 -3.62
N MET A 156 -9.45 13.14 -3.74
CA MET A 156 -8.69 13.53 -4.92
C MET A 156 -7.19 13.32 -4.78
N ILE A 157 -6.77 12.76 -3.65
CA ILE A 157 -5.36 12.61 -3.34
C ILE A 157 -4.52 11.95 -4.45
N GLY A 158 -5.11 10.95 -5.13
CA GLY A 158 -4.39 10.22 -6.17
C GLY A 158 -3.98 11.10 -7.33
N GLN A 159 -4.76 12.13 -7.60
CA GLN A 159 -4.48 13.06 -8.71
C GLN A 159 -3.20 13.84 -8.47
N PHE A 160 -2.75 13.90 -7.23
CA PHE A 160 -1.61 14.74 -6.84
C PHE A 160 -0.31 13.95 -6.64
N GLY A 161 -0.33 12.66 -6.98
CA GLY A 161 0.89 11.84 -6.96
C GLY A 161 1.30 11.36 -5.58
N VAL A 162 0.38 11.42 -4.63
CA VAL A 162 0.64 11.05 -3.24
C VAL A 162 -0.43 10.10 -2.68
N GLY A 163 -1.08 9.36 -3.56
CA GLY A 163 -2.14 8.42 -3.16
C GLY A 163 -1.77 7.42 -2.07
N PHE A 164 -0.52 6.95 -2.06
CA PHE A 164 -0.11 5.94 -1.09
C PHE A 164 -0.42 6.34 0.34
N TYR A 165 -0.24 7.63 0.65
CA TYR A 165 -0.36 8.09 2.03
C TYR A 165 -1.78 8.09 2.55
N SER A 166 -2.76 7.91 1.65
CA SER A 166 -4.16 7.74 2.06
C SER A 166 -4.36 6.55 3.01
N ALA A 167 -3.44 5.59 3.03
CA ALA A 167 -3.57 4.46 3.96
C ALA A 167 -3.67 4.97 5.40
N TYR A 168 -3.02 6.09 5.71
CA TYR A 168 -3.01 6.63 7.06
C TYR A 168 -4.33 7.29 7.46
N LEU A 169 -5.28 7.38 6.54
CA LEU A 169 -6.65 7.75 6.90
C LEU A 169 -7.26 6.70 7.83
N VAL A 170 -6.93 5.43 7.60
CA VAL A 170 -7.59 4.35 8.30
C VAL A 170 -6.67 3.46 9.14
N ALA A 171 -5.35 3.60 8.96
CA ALA A 171 -4.37 2.75 9.62
C ALA A 171 -3.41 3.56 10.46
N ASP A 172 -3.10 3.05 11.65
CA ASP A 172 -2.06 3.60 12.52
C ASP A 172 -0.64 3.25 12.04
N THR A 173 -0.51 2.06 11.46
CA THR A 173 0.76 1.53 11.02
C THR A 173 0.51 0.86 9.69
N VAL A 174 1.46 1.06 8.77
CA VAL A 174 1.42 0.44 7.45
C VAL A 174 2.73 -0.31 7.28
N ILE A 175 2.63 -1.55 6.81
CA ILE A 175 3.76 -2.42 6.58
C ILE A 175 3.70 -2.86 5.13
N VAL A 176 4.80 -2.67 4.39
CA VAL A 176 4.85 -3.01 2.98
C VAL A 176 5.96 -4.03 2.77
N HIS A 177 5.56 -5.27 2.47
CA HIS A 177 6.50 -6.33 2.11
C HIS A 177 6.60 -6.33 0.59
N SER A 178 7.80 -6.41 0.04
CA SER A 178 7.88 -6.39 -1.42
C SER A 178 9.07 -7.19 -1.93
N LYS A 179 8.85 -7.82 -3.07
CA LYS A 179 9.82 -8.65 -3.76
C LYS A 179 9.83 -8.31 -5.25
N ASN A 180 10.94 -7.74 -5.71
CA ASN A 180 11.19 -7.45 -7.11
C ASN A 180 12.19 -8.48 -7.61
N ASN A 181 12.13 -8.85 -8.88
CA ASN A 181 13.07 -9.82 -9.43
C ASN A 181 14.53 -9.44 -9.18
N ASP A 182 14.83 -8.13 -9.12
CA ASP A 182 16.20 -7.64 -8.99
C ASP A 182 16.73 -7.61 -7.55
N ASP A 183 15.95 -8.00 -6.53
CA ASP A 183 16.42 -7.88 -5.16
C ASP A 183 15.81 -8.96 -4.27
N GLU A 184 16.29 -9.03 -3.03
CA GLU A 184 15.69 -9.87 -2.00
CA GLU A 184 15.68 -9.87 -2.01
C GLU A 184 14.38 -9.23 -1.51
N GLN A 185 13.59 -10.00 -0.76
CA GLN A 185 12.36 -9.46 -0.19
C GLN A 185 12.70 -8.51 0.96
N TYR A 186 12.06 -7.35 0.96
CA TYR A 186 12.25 -6.35 2.03
C TYR A 186 10.91 -5.96 2.63
N VAL A 187 10.97 -5.40 3.82
CA VAL A 187 9.78 -4.88 4.48
C VAL A 187 10.03 -3.45 4.96
N TRP A 188 9.12 -2.59 4.55
CA TRP A 188 9.05 -1.18 4.94
C TRP A 188 7.97 -1.05 6.00
N GLU A 189 8.23 -0.25 7.02
CA GLU A 189 7.23 -0.04 8.06
C GLU A 189 7.23 1.39 8.51
N SER A 190 6.04 1.95 8.73
CA SER A 190 5.94 3.26 9.36
C SER A 190 4.64 3.45 10.12
N SER A 191 4.77 4.06 11.29
CA SER A 191 3.63 4.56 12.07
C SER A 191 3.61 6.09 12.00
N ALA A 192 4.14 6.62 10.91
CA ALA A 192 4.32 8.07 10.71
C ALA A 192 5.33 8.61 11.73
N GLY A 193 5.11 9.81 12.27
CA GLY A 193 6.05 10.39 13.20
C GLY A 193 7.37 10.77 12.55
N GLY A 194 7.36 10.88 11.22
CA GLY A 194 8.49 11.41 10.49
C GLY A 194 9.51 10.41 9.99
N GLU A 195 9.33 9.13 10.33
CA GLU A 195 10.33 8.12 9.98
C GLU A 195 9.70 6.84 9.49
N PHE A 196 10.49 6.07 8.73
CA PHE A 196 10.14 4.71 8.37
C PHE A 196 11.37 3.84 8.50
N THR A 197 11.17 2.53 8.53
CA THR A 197 12.29 1.59 8.53
C THR A 197 12.18 0.63 7.35
N ILE A 198 13.32 0.08 6.96
CA ILE A 198 13.38 -0.99 5.98
C ILE A 198 14.35 -2.06 6.50
N ALA A 199 13.95 -3.30 6.33
CA ALA A 199 14.77 -4.45 6.73
C ALA A 199 14.53 -5.60 5.75
N LEU A 200 15.51 -6.49 5.62
CA LEU A 200 15.26 -7.76 4.95
C LEU A 200 14.10 -8.48 5.59
N ASP A 201 13.26 -9.10 4.77
CA ASP A 201 12.05 -9.75 5.22
C ASP A 201 12.20 -11.26 5.05
N HIS A 202 12.15 -11.98 6.17
CA HIS A 202 12.25 -13.44 6.14
C HIS A 202 10.91 -14.12 6.41
N THR A 203 9.83 -13.34 6.40
CA THR A 203 8.49 -13.91 6.50
C THR A 203 8.08 -14.49 5.14
N GLU A 204 6.85 -15.01 5.04
CA GLU A 204 6.38 -15.73 3.86
C GLU A 204 6.88 -15.12 2.54
N PRO A 205 7.71 -15.87 1.77
CA PRO A 205 8.15 -15.35 0.48
C PRO A 205 6.97 -15.08 -0.46
N LEU A 206 7.05 -13.95 -1.14
CA LEU A 206 6.01 -13.54 -2.07
C LEU A 206 6.22 -14.09 -3.46
N GLY A 207 7.45 -14.50 -3.76
CA GLY A 207 7.80 -14.90 -5.11
C GLY A 207 8.09 -13.68 -5.97
N ARG A 208 7.07 -12.84 -6.16
CA ARG A 208 7.22 -11.51 -6.76
C ARG A 208 5.98 -10.72 -6.38
N GLY A 209 6.17 -9.45 -6.08
CA GLY A 209 5.05 -8.55 -5.87
C GLY A 209 5.11 -7.86 -4.53
N THR A 210 3.95 -7.40 -4.06
CA THR A 210 3.86 -6.58 -2.87
C THR A 210 2.68 -7.00 -2.01
N LYS A 211 2.92 -7.03 -0.70
CA LYS A 211 1.90 -7.27 0.32
C LYS A 211 1.88 -6.08 1.23
N ILE A 212 0.80 -5.31 1.19
CA ILE A 212 0.63 -4.18 2.08
C ILE A 212 -0.36 -4.53 3.19
N VAL A 213 0.04 -4.25 4.43
CA VAL A 213 -0.75 -4.59 5.61
C VAL A 213 -1.07 -3.30 6.34
N LEU A 214 -2.35 -3.01 6.46
CA LEU A 214 -2.85 -1.86 7.20
C LEU A 214 -3.32 -2.31 8.58
N HIS A 215 -2.68 -1.80 9.62
CA HIS A 215 -3.10 -2.00 11.00
C HIS A 215 -4.12 -0.93 11.31
N MET A 216 -5.38 -1.35 11.30
CA MET A 216 -6.52 -0.44 11.29
C MET A 216 -6.73 0.26 12.60
N LYS A 217 -7.03 1.55 12.52
CA LYS A 217 -7.41 2.36 13.67
C LYS A 217 -8.70 1.82 14.25
N GLU A 218 -8.85 1.93 15.57
CA GLU A 218 -10.05 1.46 16.27
CA GLU A 218 -10.04 1.44 16.25
C GLU A 218 -11.33 2.00 15.65
N ASP A 219 -11.33 3.29 15.33
CA ASP A 219 -12.55 3.91 14.80
C ASP A 219 -12.80 3.66 13.31
N GLN A 220 -11.96 2.83 12.69
CA GLN A 220 -12.11 2.51 11.26
C GLN A 220 -12.27 1.01 11.02
N LEU A 221 -12.55 0.26 12.08
CA LEU A 221 -12.65 -1.19 11.99
C LEU A 221 -13.84 -1.65 11.16
N ASP A 222 -14.85 -0.80 10.95
CA ASP A 222 -16.00 -1.15 10.11
C ASP A 222 -15.58 -1.55 8.71
N TYR A 223 -14.44 -1.03 8.24
CA TYR A 223 -13.95 -1.39 6.91
C TYR A 223 -13.54 -2.86 6.78
N LEU A 224 -13.49 -3.59 7.89
CA LEU A 224 -13.21 -5.01 7.85
C LEU A 224 -14.48 -5.86 7.84
N ASP A 225 -15.66 -5.22 8.00
CA ASP A 225 -16.92 -5.96 7.94
C ASP A 225 -17.09 -6.58 6.56
N GLU A 226 -17.53 -7.83 6.53
CA GLU A 226 -17.58 -8.59 5.29
C GLU A 226 -18.35 -7.85 4.18
N THR A 227 -19.57 -7.38 4.43
CA THR A 227 -20.33 -6.77 3.34
C THR A 227 -19.77 -5.42 2.94
N LYS A 228 -19.28 -4.68 3.93
CA LYS A 228 -18.72 -3.35 3.70
CA LYS A 228 -18.74 -3.35 3.68
C LYS A 228 -17.51 -3.42 2.78
N ILE A 229 -16.59 -4.33 3.09
CA ILE A 229 -15.39 -4.44 2.28
C ILE A 229 -15.67 -5.08 0.91
N LYS A 230 -16.54 -6.06 0.87
CA LYS A 230 -16.96 -6.59 -0.42
C LYS A 230 -17.50 -5.48 -1.35
N ASN A 231 -18.38 -4.64 -0.82
CA ASN A 231 -18.96 -3.56 -1.64
C ASN A 231 -17.95 -2.53 -2.07
N LEU A 232 -17.06 -2.17 -1.15
CA LEU A 232 -16.02 -1.20 -1.44
C LEU A 232 -15.10 -1.73 -2.53
N VAL A 233 -14.75 -3.02 -2.48
CA VAL A 233 -13.88 -3.63 -3.49
C VAL A 233 -14.58 -3.62 -4.85
N LYS A 234 -15.85 -4.01 -4.89
CA LYS A 234 -16.61 -3.96 -6.14
C LYS A 234 -16.63 -2.56 -6.71
N LYS A 235 -16.95 -1.59 -5.85
CA LYS A 235 -17.07 -0.18 -6.24
C LYS A 235 -15.76 0.38 -6.81
N HIS A 236 -14.64 -0.02 -6.24
CA HIS A 236 -13.34 0.56 -6.60
C HIS A 236 -12.47 -0.34 -7.48
N SER A 237 -13.10 -1.32 -8.13
CA SER A 237 -12.38 -2.22 -9.04
C SER A 237 -13.07 -2.43 -10.39
N GLU A 238 -14.02 -1.56 -10.71
CA GLU A 238 -14.82 -1.67 -11.92
C GLU A 238 -14.01 -1.87 -13.22
N PHE A 239 -12.90 -1.14 -13.32
CA PHE A 239 -12.09 -1.14 -14.53
C PHE A 239 -10.75 -1.87 -14.36
N ILE A 240 -10.63 -2.62 -13.27
CA ILE A 240 -9.39 -3.35 -12.99
C ILE A 240 -9.36 -4.63 -13.81
N GLN A 241 -8.26 -4.80 -14.55
CA GLN A 241 -8.11 -5.87 -15.54
C GLN A 241 -7.34 -7.08 -15.03
N TYR A 242 -7.38 -7.30 -13.71
CA TYR A 242 -6.74 -8.44 -13.07
C TYR A 242 -7.73 -9.08 -12.11
N PRO A 243 -7.65 -10.41 -11.95
CA PRO A 243 -8.54 -11.08 -11.00
C PRO A 243 -8.28 -10.66 -9.57
N ILE A 244 -9.36 -10.52 -8.81
CA ILE A 244 -9.31 -10.20 -7.39
C ILE A 244 -9.97 -11.33 -6.59
N SER A 245 -9.26 -11.79 -5.56
CA SER A 245 -9.77 -12.77 -4.60
CA SER A 245 -9.78 -12.75 -4.60
C SER A 245 -9.95 -12.07 -3.25
N LEU A 246 -11.15 -12.13 -2.69
N LEU A 246 -11.16 -12.14 -2.73
CA LEU A 246 -11.47 -11.46 -1.42
CA LEU A 246 -11.48 -11.69 -1.40
C LEU A 246 -11.79 -12.50 -0.36
C LEU A 246 -11.42 -12.92 -0.52
N LEU A 247 -10.97 -12.55 0.69
N LEU A 247 -10.44 -12.92 0.38
CA LEU A 247 -11.19 -13.53 1.75
CA LEU A 247 -10.26 -13.99 1.35
C LEU A 247 -12.05 -12.99 2.89
C LEU A 247 -10.60 -13.45 2.74
N THR A 248 -12.71 -13.90 3.58
N THR A 248 -11.75 -13.88 3.23
CA THR A 248 -13.37 -13.62 4.84
CA THR A 248 -12.22 -13.47 4.54
C THR A 248 -12.85 -14.63 5.83
C THR A 248 -11.68 -14.42 5.60
N ILE A 249 -12.39 -14.17 6.99
N ILE A 249 -10.88 -13.91 6.52
CA ILE A 249 -11.90 -15.07 8.03
CA ILE A 249 -10.35 -14.74 7.61
C ILE A 249 -13.06 -15.50 8.93
C ILE A 249 -11.31 -14.76 8.76
N LYS A 250 -13.30 -16.80 9.01
N LYS A 250 -11.76 -15.95 9.16
CA LYS A 250 -14.36 -17.35 9.85
CA LYS A 250 -12.70 -16.07 10.26
C LYS A 250 -13.87 -17.45 11.29
C LYS A 250 -12.02 -15.84 11.60
PB AGS B . 1.39 7.09 -7.93
O1B AGS B . 0.60 5.82 -7.93
O2B AGS B . 0.72 8.36 -8.57
O3B AGS B . 2.87 6.90 -8.51
PA AGS B . 1.35 6.62 -5.04
O1A AGS B . 1.56 7.52 -3.88
O2A AGS B . 0.03 5.92 -5.14
O3A AGS B . 1.63 7.50 -6.37
O5' AGS B . 2.48 5.51 -5.07
C5' AGS B . 3.84 5.93 -4.97
C4' AGS B . 4.77 4.89 -5.54
O4' AGS B . 4.88 3.77 -4.66
C3' AGS B . 4.38 4.29 -6.87
O3' AGS B . 4.69 5.14 -7.98
C2' AGS B . 5.19 3.02 -6.90
O2' AGS B . 6.54 3.34 -7.28
C1' AGS B . 5.20 2.62 -5.43
N9 AGS B . 4.21 1.58 -5.14
C8 AGS B . 3.12 1.73 -4.35
N7 AGS B . 2.40 0.58 -4.27
C5 AGS B . 3.07 -0.31 -5.01
C6 AGS B . 2.89 -1.71 -5.36
N6 AGS B . 1.83 -2.40 -4.93
N1 AGS B . 3.81 -2.28 -6.16
C2 AGS B . 4.86 -1.60 -6.64
N3 AGS B . 5.12 -0.32 -6.36
C4 AGS B . 4.26 0.33 -5.57
MG MG C . -0.97 5.23 -6.80
#